data_2MTK
#
_entry.id   2MTK
#
_cell.length_a   1.000
_cell.length_b   1.000
_cell.length_c   1.000
_cell.angle_alpha   90.00
_cell.angle_beta   90.00
_cell.angle_gamma   90.00
#
_symmetry.space_group_name_H-M   'P 1'
#
loop_
_entity.id
_entity.type
_entity.pdbx_description
1 polymer 'RNA (47-MER)'
2 non-polymer 'MAGNESIUM ION'
3 water water
#
_entity_poly.entity_id   1
_entity_poly.type   'polyribonucleotide'
_entity_poly.pdbx_seq_one_letter_code
;GGACCUCCCGUCCUUGGACGGUCGAGCGAAAGCUUGUGAUUGGUCCG
;
_entity_poly.pdbx_strand_id   A
#